data_9RQ4
#
_entry.id   9RQ4
#
_cell.length_a   68.072
_cell.length_b   89.671
_cell.length_c   44.926
_cell.angle_alpha   90.000
_cell.angle_beta   90.000
_cell.angle_gamma   90.000
#
_symmetry.space_group_name_H-M   'P 21 21 2'
#
loop_
_entity.id
_entity.type
_entity.pdbx_description
1 polymer 'FosA family fosfomycin resistance glutathione transferase'
2 non-polymer 1,2-ETHANEDIOL
3 non-polymer (3-methoxyphenyl)(pyrrolidin-1-yl)methanone
4 non-polymer 'MANGANESE (II) ION'
5 non-polymer 'DIMETHYL SULFOXIDE'
6 water water
#
_entity_poly.entity_id   1
_entity_poly.type   'polypeptide(L)'
_entity_poly.pdbx_seq_one_letter_code
;MLSGLNHLTLAVSQLAPSVAFYQQLLGMTLHARWDSGAYLSCGDLWLCLSLDPQRRVTPPEESDYTHYAFSISEADFASF
AARLEAAGVAVWKLNRSEGASHYFLDPDGHKLELHVGSLAQRLAACREQPYKGMVFFEQHHHHHH
;
_entity_poly.pdbx_strand_id   A,B
#
# COMPACT_ATOMS: atom_id res chain seq x y z
N MET A 1 16.40 -6.22 9.48
CA MET A 1 15.09 -5.60 9.81
C MET A 1 14.29 -5.34 8.54
N LEU A 2 13.12 -4.73 8.69
CA LEU A 2 12.32 -4.37 7.53
C LEU A 2 12.88 -3.10 6.91
N SER A 3 12.87 -3.03 5.58
N SER A 3 12.93 -3.07 5.58
CA SER A 3 13.57 -1.93 4.90
CA SER A 3 13.38 -1.86 4.90
C SER A 3 12.71 -1.11 3.95
C SER A 3 12.60 -1.67 3.61
N GLY A 4 11.41 -1.36 3.88
N GLY A 4 11.58 -0.85 3.70
CA GLY A 4 10.53 -0.57 3.06
CA GLY A 4 10.82 -0.47 2.53
C GLY A 4 9.45 -1.43 2.48
C GLY A 4 9.65 -1.41 2.28
N LEU A 5 8.77 -0.92 1.45
CA LEU A 5 7.66 -1.66 0.89
C LEU A 5 8.25 -2.43 -0.29
N ASN A 6 8.14 -3.75 -0.23
CA ASN A 6 8.60 -4.60 -1.32
C ASN A 6 7.64 -4.53 -2.50
N HIS A 7 6.34 -4.63 -2.24
CA HIS A 7 5.33 -4.45 -3.27
C HIS A 7 3.98 -4.15 -2.65
N LEU A 8 3.12 -3.53 -3.47
CA LEU A 8 1.71 -3.30 -3.17
C LEU A 8 0.91 -4.19 -4.11
N THR A 9 0.03 -5.02 -3.55
CA THR A 9 -0.85 -5.85 -4.36
C THR A 9 -2.28 -5.39 -4.15
N LEU A 10 -2.94 -5.07 -5.26
CA LEU A 10 -4.34 -4.69 -5.24
C LEU A 10 -5.17 -5.79 -5.88
N ALA A 11 -6.19 -6.25 -5.16
CA ALA A 11 -7.16 -7.17 -5.72
C ALA A 11 -8.07 -6.40 -6.67
N VAL A 12 -8.31 -6.96 -7.85
CA VAL A 12 -9.13 -6.29 -8.85
C VAL A 12 -10.21 -7.25 -9.33
N SER A 13 -11.37 -6.72 -9.68
CA SER A 13 -12.48 -7.55 -10.15
C SER A 13 -12.42 -7.82 -11.65
N GLN A 14 -11.85 -6.90 -12.42
CA GLN A 14 -11.75 -7.05 -13.87
C GLN A 14 -10.35 -6.60 -14.27
N LEU A 15 -9.55 -7.53 -14.78
CA LEU A 15 -8.13 -7.26 -14.94
C LEU A 15 -7.87 -6.18 -15.99
N ALA A 16 -8.49 -6.31 -17.16
CA ALA A 16 -8.15 -5.41 -18.26
C ALA A 16 -8.45 -3.96 -17.93
N PRO A 17 -9.63 -3.61 -17.40
CA PRO A 17 -9.87 -2.20 -17.05
C PRO A 17 -8.94 -1.69 -15.97
N SER A 18 -8.52 -2.55 -15.04
N SER A 18 -8.55 -2.56 -15.04
CA SER A 18 -7.58 -2.10 -14.03
CA SER A 18 -7.58 -2.15 -14.03
C SER A 18 -6.20 -1.88 -14.62
C SER A 18 -6.23 -1.85 -14.66
N VAL A 19 -5.73 -2.76 -15.49
CA VAL A 19 -4.46 -2.52 -16.15
C VAL A 19 -4.51 -1.22 -16.92
N ALA A 20 -5.62 -0.99 -17.63
CA ALA A 20 -5.74 0.24 -18.40
C ALA A 20 -5.70 1.46 -17.50
N PHE A 21 -6.36 1.39 -16.34
CA PHE A 21 -6.35 2.52 -15.43
C PHE A 21 -4.96 2.86 -14.97
N TYR A 22 -4.20 1.87 -14.49
CA TYR A 22 -2.87 2.14 -13.94
C TYR A 22 -1.86 2.47 -15.02
N GLN A 23 -1.93 1.80 -16.17
CA GLN A 23 -0.95 2.01 -17.24
C GLN A 23 -1.34 3.23 -18.09
N GLN A 24 -2.54 3.21 -18.67
CA GLN A 24 -2.91 4.27 -19.61
C GLN A 24 -3.22 5.58 -18.89
N LEU A 25 -4.06 5.52 -17.86
CA LEU A 25 -4.54 6.76 -17.25
C LEU A 25 -3.51 7.32 -16.27
N LEU A 26 -2.92 6.47 -15.44
CA LEU A 26 -1.96 6.96 -14.45
C LEU A 26 -0.52 6.93 -14.95
N GLY A 27 -0.23 6.30 -16.09
CA GLY A 27 1.10 6.38 -16.67
C GLY A 27 2.12 5.43 -16.09
N MET A 28 1.69 4.45 -15.32
CA MET A 28 2.65 3.51 -14.77
C MET A 28 3.19 2.59 -15.86
N THR A 29 4.31 1.96 -15.59
CA THR A 29 4.96 1.10 -16.56
C THR A 29 4.47 -0.33 -16.41
N LEU A 30 3.92 -0.90 -17.48
CA LEU A 30 3.46 -2.27 -17.49
C LEU A 30 4.61 -3.19 -17.91
N HIS A 31 4.96 -4.15 -17.06
CA HIS A 31 6.04 -5.09 -17.34
C HIS A 31 5.55 -6.43 -17.82
N ALA A 32 4.43 -6.90 -17.30
CA ALA A 32 3.92 -8.21 -17.68
C ALA A 32 2.46 -8.30 -17.27
N ARG A 33 1.75 -9.17 -17.96
N ARG A 33 1.70 -9.05 -18.04
CA ARG A 33 0.31 -9.39 -17.76
CA ARG A 33 0.36 -9.42 -17.62
C ARG A 33 0.02 -10.85 -18.09
C ARG A 33 0.16 -10.90 -17.94
N TRP A 34 -0.85 -11.47 -17.30
CA TRP A 34 -1.19 -12.87 -17.47
C TRP A 34 -2.68 -13.02 -17.18
N ASP A 35 -3.19 -14.24 -17.25
CA ASP A 35 -4.63 -14.38 -17.20
C ASP A 35 -5.21 -13.87 -15.89
N SER A 36 -4.41 -13.86 -14.82
N SER A 36 -4.43 -13.87 -14.80
CA SER A 36 -4.90 -13.56 -13.48
CA SER A 36 -4.98 -13.47 -13.51
C SER A 36 -4.18 -12.39 -12.81
C SER A 36 -4.15 -12.42 -12.80
N GLY A 37 -3.37 -11.62 -13.53
CA GLY A 37 -2.71 -10.50 -12.88
C GLY A 37 -1.83 -9.71 -13.81
N ALA A 38 -1.19 -8.70 -13.23
CA ALA A 38 -0.25 -7.87 -13.95
C ALA A 38 0.77 -7.31 -12.97
N TYR A 39 1.97 -7.06 -13.49
CA TYR A 39 3.02 -6.38 -12.76
C TYR A 39 3.33 -5.05 -13.42
N LEU A 40 3.29 -3.98 -12.63
CA LEU A 40 3.62 -2.64 -13.08
C LEU A 40 4.64 -2.04 -12.14
N SER A 41 5.31 -0.98 -12.60
CA SER A 41 6.11 -0.18 -11.69
C SER A 41 5.76 1.29 -11.82
N CYS A 42 5.99 2.00 -10.74
CA CYS A 42 5.79 3.44 -10.66
C CYS A 42 7.02 3.94 -9.92
N GLY A 43 8.01 4.44 -10.64
CA GLY A 43 9.31 4.66 -10.01
C GLY A 43 9.81 3.36 -9.41
N ASP A 44 10.19 3.41 -8.14
N ASP A 44 10.16 3.41 -8.13
CA ASP A 44 10.67 2.20 -7.46
CA ASP A 44 10.66 2.25 -7.41
C ASP A 44 9.54 1.29 -7.00
C ASP A 44 9.55 1.40 -6.81
N LEU A 45 8.29 1.72 -7.06
CA LEU A 45 7.19 0.92 -6.54
C LEU A 45 6.89 -0.24 -7.48
N TRP A 46 6.83 -1.44 -6.93
CA TRP A 46 6.33 -2.63 -7.59
C TRP A 46 4.85 -2.77 -7.23
N LEU A 47 4.00 -2.62 -8.23
CA LEU A 47 2.56 -2.77 -8.11
C LEU A 47 2.13 -4.06 -8.77
N CYS A 48 1.38 -4.87 -8.03
N CYS A 48 1.41 -4.89 -8.03
CA CYS A 48 0.77 -6.08 -8.55
CA CYS A 48 0.79 -6.09 -8.60
C CYS A 48 -0.74 -5.86 -8.59
C CYS A 48 -0.72 -5.93 -8.58
N LEU A 49 -1.35 -6.15 -9.73
CA LEU A 49 -2.80 -6.25 -9.82
C LEU A 49 -3.15 -7.73 -9.87
N SER A 50 -4.00 -8.17 -8.95
CA SER A 50 -4.32 -9.58 -8.83
C SER A 50 -5.82 -9.78 -9.03
N LEU A 51 -6.19 -10.53 -10.07
CA LEU A 51 -7.59 -10.80 -10.33
C LEU A 51 -8.15 -11.65 -9.18
N ASP A 52 -9.17 -11.15 -8.52
CA ASP A 52 -9.71 -11.81 -7.33
C ASP A 52 -11.22 -11.82 -7.44
N PRO A 53 -11.85 -12.99 -7.58
CA PRO A 53 -13.32 -13.04 -7.62
C PRO A 53 -13.98 -12.50 -6.36
N GLN A 54 -13.24 -12.36 -5.26
N GLN A 54 -13.24 -12.34 -5.26
CA GLN A 54 -13.77 -11.79 -4.02
CA GLN A 54 -13.78 -11.79 -4.03
C GLN A 54 -13.81 -10.26 -4.05
C GLN A 54 -13.66 -10.26 -3.94
N ARG A 55 -13.02 -9.60 -4.90
CA ARG A 55 -13.02 -8.14 -4.93
C ARG A 55 -14.37 -7.58 -5.35
N ARG A 56 -14.88 -6.67 -4.54
CA ARG A 56 -16.12 -5.96 -4.88
C ARG A 56 -15.81 -4.52 -5.22
N VAL A 57 -16.60 -3.99 -6.15
CA VAL A 57 -16.54 -2.56 -6.45
C VAL A 57 -17.19 -1.84 -5.28
N THR A 58 -16.40 -1.06 -4.56
CA THR A 58 -16.82 -0.60 -3.24
C THR A 58 -16.96 0.91 -3.20
N PRO A 59 -18.16 1.43 -2.92
CA PRO A 59 -18.31 2.88 -2.81
C PRO A 59 -17.50 3.42 -1.65
N PRO A 60 -17.01 4.66 -1.75
CA PRO A 60 -16.06 5.15 -0.75
C PRO A 60 -16.67 5.33 0.63
N GLU A 61 -18.00 5.49 0.71
CA GLU A 61 -18.64 5.58 2.02
C GLU A 61 -18.71 4.23 2.72
N GLU A 62 -18.46 3.13 2.02
N GLU A 62 -18.47 3.13 2.00
CA GLU A 62 -18.53 1.80 2.62
CA GLU A 62 -18.52 1.78 2.56
C GLU A 62 -17.14 1.14 2.73
C GLU A 62 -17.14 1.26 2.98
N SER A 63 -16.07 1.92 2.58
CA SER A 63 -14.74 1.50 2.97
C SER A 63 -14.12 2.47 3.96
N ASP A 64 -13.16 1.97 4.72
CA ASP A 64 -12.44 2.79 5.68
C ASP A 64 -11.40 3.66 4.96
N TYR A 65 -10.61 4.38 5.74
CA TYR A 65 -9.69 5.40 5.22
C TYR A 65 -8.39 4.83 4.65
N THR A 66 -8.20 3.52 4.64
CA THR A 66 -6.99 2.94 4.07
C THR A 66 -6.83 3.44 2.64
N HIS A 67 -5.64 3.93 2.29
CA HIS A 67 -5.46 4.51 0.97
C HIS A 67 -3.98 4.51 0.58
N TYR A 68 -3.74 4.74 -0.71
CA TYR A 68 -2.44 4.61 -1.33
C TYR A 68 -2.15 5.89 -2.08
N ALA A 69 -1.08 6.58 -1.68
CA ALA A 69 -0.73 7.86 -2.27
C ALA A 69 0.50 7.71 -3.15
N PHE A 70 0.44 8.34 -4.33
CA PHE A 70 1.55 8.36 -5.28
C PHE A 70 2.17 9.74 -5.33
N SER A 71 3.49 9.77 -5.46
CA SER A 71 4.23 11.02 -5.50
C SER A 71 4.14 11.67 -6.87
N ILE A 72 3.99 13.00 -6.85
CA ILE A 72 3.98 13.80 -8.05
C ILE A 72 4.63 15.14 -7.70
N SER A 73 5.25 15.76 -8.69
CA SER A 73 5.93 17.01 -8.43
C SER A 73 4.93 18.15 -8.33
N GLU A 74 5.40 19.24 -7.71
CA GLU A 74 4.59 20.44 -7.62
C GLU A 74 4.23 20.97 -9.00
N ALA A 75 5.15 20.84 -9.96
CA ALA A 75 4.89 21.35 -11.30
C ALA A 75 3.83 20.55 -12.05
N ASP A 76 3.71 19.25 -11.77
CA ASP A 76 2.80 18.38 -12.52
C ASP A 76 1.46 18.15 -11.81
N PHE A 77 1.35 18.49 -10.52
CA PHE A 77 0.22 18.06 -9.70
C PHE A 77 -1.12 18.53 -10.27
N ALA A 78 -1.26 19.83 -10.52
CA ALA A 78 -2.57 20.36 -10.84
C ALA A 78 -3.06 19.85 -12.19
N SER A 79 -2.18 19.78 -13.18
N SER A 79 -2.17 19.82 -13.18
CA SER A 79 -2.65 19.36 -14.50
CA SER A 79 -2.54 19.35 -14.50
C SER A 79 -3.00 17.87 -14.51
C SER A 79 -3.03 17.90 -14.43
N PHE A 80 -2.32 17.06 -13.69
CA PHE A 80 -2.64 15.64 -13.61
C PHE A 80 -3.99 15.45 -12.93
N ALA A 81 -4.20 16.15 -11.81
CA ALA A 81 -5.50 16.09 -11.13
C ALA A 81 -6.61 16.55 -12.05
N ALA A 82 -6.38 17.64 -12.80
CA ALA A 82 -7.44 18.15 -13.65
C ALA A 82 -7.74 17.18 -14.78
N ARG A 83 -6.72 16.48 -15.27
CA ARG A 83 -6.93 15.47 -16.30
C ARG A 83 -7.75 14.30 -15.78
N LEU A 84 -7.46 13.83 -14.56
CA LEU A 84 -8.29 12.78 -13.98
C LEU A 84 -9.73 13.25 -13.82
N GLU A 85 -9.93 14.48 -13.36
CA GLU A 85 -11.27 15.02 -13.22
C GLU A 85 -11.99 15.06 -14.55
N ALA A 86 -11.32 15.57 -15.59
CA ALA A 86 -11.95 15.66 -16.91
C ALA A 86 -12.27 14.28 -17.46
N ALA A 87 -11.48 13.26 -17.08
CA ALA A 87 -11.73 11.90 -17.53
C ALA A 87 -12.86 11.23 -16.78
N GLY A 88 -13.43 11.88 -15.77
CA GLY A 88 -14.54 11.32 -15.05
C GLY A 88 -14.17 10.42 -13.90
N VAL A 89 -12.92 10.46 -13.45
CA VAL A 89 -12.49 9.62 -12.35
C VAL A 89 -13.17 10.07 -11.07
N ALA A 90 -13.79 9.11 -10.37
CA ALA A 90 -14.55 9.40 -9.16
C ALA A 90 -13.62 9.80 -8.02
N VAL A 91 -14.18 10.52 -7.06
N VAL A 91 -14.16 10.55 -7.07
CA VAL A 91 -13.39 11.04 -5.97
CA VAL A 91 -13.39 11.20 -6.01
C VAL A 91 -13.91 10.50 -4.67
C VAL A 91 -14.03 10.92 -4.65
N TRP A 92 -13.21 10.85 -3.61
CA TRP A 92 -13.62 10.36 -2.32
C TRP A 92 -13.30 11.34 -1.23
N LYS A 93 -12.53 12.39 -1.51
CA LYS A 93 -12.23 13.35 -0.46
C LYS A 93 -11.84 14.67 -1.09
N LEU A 94 -12.23 15.76 -0.43
CA LEU A 94 -11.96 17.09 -0.93
C LEU A 94 -11.11 17.94 0.01
N ASN A 95 -11.27 17.77 1.32
CA ASN A 95 -10.55 18.57 2.31
C ASN A 95 -9.09 18.17 2.37
N ARG A 96 -8.19 19.13 2.16
CA ARG A 96 -6.74 18.88 2.18
C ARG A 96 -6.25 18.92 3.63
N SER A 97 -6.41 17.80 4.31
CA SER A 97 -6.00 17.69 5.70
C SER A 97 -4.56 17.25 5.85
N GLU A 98 -3.87 16.93 4.75
CA GLU A 98 -2.49 16.47 4.86
C GLU A 98 -1.64 17.06 3.73
N GLY A 99 -1.89 18.33 3.41
CA GLY A 99 -1.11 19.01 2.39
C GLY A 99 -1.76 18.96 1.02
N ALA A 100 -0.92 19.10 0.00
CA ALA A 100 -1.36 19.19 -1.39
C ALA A 100 -1.64 17.79 -1.89
N SER A 101 -2.93 17.43 -1.97
CA SER A 101 -3.37 16.09 -2.29
C SER A 101 -4.62 16.14 -3.14
N HIS A 102 -4.74 15.17 -4.05
CA HIS A 102 -5.95 14.92 -4.82
C HIS A 102 -6.36 13.48 -4.56
N TYR A 103 -7.61 13.27 -4.15
CA TYR A 103 -8.13 11.96 -3.75
C TYR A 103 -9.05 11.41 -4.82
N PHE A 104 -8.76 10.20 -5.30
CA PHE A 104 -9.53 9.63 -6.39
C PHE A 104 -9.61 8.12 -6.20
N LEU A 105 -10.56 7.51 -6.91
CA LEU A 105 -10.85 6.10 -6.80
C LEU A 105 -10.42 5.35 -8.05
N ASP A 106 -9.94 4.13 -7.88
CA ASP A 106 -9.71 3.22 -8.99
C ASP A 106 -11.02 2.52 -9.35
N PRO A 107 -11.02 1.71 -10.42
CA PRO A 107 -12.28 1.12 -10.90
C PRO A 107 -12.99 0.26 -9.86
N ASP A 108 -12.27 -0.31 -8.91
CA ASP A 108 -12.86 -1.11 -7.85
C ASP A 108 -13.11 -0.33 -6.58
N GLY A 109 -12.86 0.96 -6.57
CA GLY A 109 -13.00 1.74 -5.37
C GLY A 109 -11.80 1.74 -4.45
N HIS A 110 -10.65 1.20 -4.88
CA HIS A 110 -9.45 1.41 -4.09
C HIS A 110 -9.22 2.92 -3.96
N LYS A 111 -8.92 3.36 -2.76
CA LYS A 111 -8.73 4.78 -2.48
C LYS A 111 -7.30 5.18 -2.78
N LEU A 112 -7.15 6.06 -3.76
CA LEU A 112 -5.87 6.55 -4.23
C LEU A 112 -5.73 8.03 -3.96
N GLU A 113 -4.49 8.51 -4.06
CA GLU A 113 -4.17 9.90 -3.80
C GLU A 113 -2.96 10.29 -4.63
N LEU A 114 -2.97 11.52 -5.15
CA LEU A 114 -1.77 12.20 -5.63
C LEU A 114 -1.32 13.13 -4.52
N HIS A 115 -0.04 13.09 -4.15
CA HIS A 115 0.45 13.97 -3.08
C HIS A 115 1.79 14.58 -3.46
N VAL A 116 1.94 15.86 -3.16
CA VAL A 116 3.21 16.56 -3.34
C VAL A 116 3.87 16.68 -1.97
N GLY A 117 5.05 16.08 -1.83
CA GLY A 117 5.84 16.30 -0.63
C GLY A 117 6.22 15.03 0.10
N SER A 118 7.33 15.10 0.82
CA SER A 118 7.88 13.99 1.57
C SER A 118 7.35 13.96 3.01
N LEU A 119 7.70 12.89 3.72
CA LEU A 119 7.39 12.82 5.14
C LEU A 119 8.08 13.95 5.89
N ALA A 120 9.35 14.22 5.58
CA ALA A 120 10.05 15.32 6.25
C ALA A 120 9.31 16.63 6.04
N GLN A 121 8.83 16.87 4.82
CA GLN A 121 8.13 18.12 4.56
C GLN A 121 6.80 18.16 5.31
N ARG A 122 6.12 17.02 5.42
N ARG A 122 6.10 17.02 5.33
CA ARG A 122 4.86 16.98 6.14
CA ARG A 122 4.88 16.91 6.14
C ARG A 122 5.08 17.19 7.64
C ARG A 122 5.17 17.30 7.57
N LEU A 123 6.18 16.67 8.18
CA LEU A 123 6.45 16.91 9.59
C LEU A 123 6.74 18.37 9.85
N ALA A 124 7.51 19.00 8.95
CA ALA A 124 7.80 20.41 9.11
C ALA A 124 6.54 21.25 9.01
N ALA A 125 5.65 20.93 8.07
CA ALA A 125 4.40 21.67 7.98
C ALA A 125 3.56 21.46 9.23
N CYS A 126 3.57 20.24 9.77
CA CYS A 126 2.78 19.93 10.97
C CYS A 126 3.30 20.64 12.20
N ARG A 127 4.60 20.93 12.27
CA ARG A 127 5.09 21.69 13.41
C ARG A 127 4.41 23.05 13.50
N GLU A 128 4.10 23.66 12.34
CA GLU A 128 3.43 24.96 12.34
C GLU A 128 1.92 24.84 12.46
N GLN A 129 1.37 23.79 11.86
CA GLN A 129 -0.07 23.54 11.84
C GLN A 129 -0.27 22.10 12.25
N PRO A 130 -0.09 21.81 13.53
CA PRO A 130 -0.12 20.41 13.98
C PRO A 130 -1.54 19.87 14.02
N TYR A 131 -1.64 18.56 13.83
N TYR A 131 -1.61 18.54 13.88
CA TYR A 131 -2.89 17.87 14.11
CA TYR A 131 -2.83 17.85 14.21
C TYR A 131 -3.10 17.85 15.63
C TYR A 131 -3.13 18.04 15.68
N LYS A 132 -4.38 17.80 16.06
CA LYS A 132 -4.71 17.88 17.48
C LYS A 132 -3.95 16.85 18.31
N GLY A 133 -3.27 17.33 19.35
CA GLY A 133 -2.53 16.45 20.23
C GLY A 133 -1.20 15.96 19.70
N MET A 134 -0.67 16.58 18.66
CA MET A 134 0.51 16.04 18.00
C MET A 134 1.78 16.16 18.84
N VAL A 135 2.52 15.05 18.89
N VAL A 135 2.53 15.07 18.89
CA VAL A 135 3.86 14.97 19.48
CA VAL A 135 3.86 15.01 19.48
C VAL A 135 4.83 14.47 18.43
C VAL A 135 4.82 14.49 18.43
N PHE A 136 6.03 15.03 18.43
CA PHE A 136 7.09 14.70 17.49
C PHE A 136 8.20 13.99 18.25
N PHE A 137 8.75 12.95 17.65
CA PHE A 137 9.82 12.19 18.26
C PHE A 137 11.12 12.43 17.51
N MET B 1 3.63 13.32 -14.07
CA MET B 1 4.15 11.93 -14.02
C MET B 1 4.34 11.45 -12.59
N LEU B 2 3.91 10.23 -12.30
CA LEU B 2 4.01 9.72 -10.94
C LEU B 2 5.39 9.10 -10.73
N SER B 3 5.99 9.37 -9.58
CA SER B 3 7.38 8.98 -9.36
C SER B 3 7.58 7.90 -8.32
N GLY B 4 6.54 7.39 -7.70
CA GLY B 4 6.68 6.33 -6.71
C GLY B 4 5.50 6.33 -5.76
N LEU B 5 5.60 5.47 -4.75
CA LEU B 5 4.63 5.49 -3.67
C LEU B 5 5.01 6.59 -2.70
N ASN B 6 4.09 7.52 -2.47
CA ASN B 6 4.34 8.59 -1.54
C ASN B 6 4.13 8.14 -0.09
N HIS B 7 2.98 7.53 0.20
CA HIS B 7 2.72 6.96 1.52
C HIS B 7 1.65 5.89 1.42
N LEU B 8 1.66 5.00 2.41
CA LEU B 8 0.63 4.01 2.65
C LEU B 8 -0.09 4.39 3.93
N THR B 9 -1.41 4.52 3.86
CA THR B 9 -2.21 4.80 5.04
C THR B 9 -3.09 3.62 5.37
N LEU B 10 -2.99 3.14 6.61
CA LEU B 10 -3.82 2.05 7.10
C LEU B 10 -4.80 2.61 8.11
N ALA B 11 -6.09 2.37 7.89
CA ALA B 11 -7.08 2.68 8.89
C ALA B 11 -6.99 1.66 10.02
N VAL B 12 -7.04 2.15 11.25
CA VAL B 12 -6.89 1.30 12.44
C VAL B 12 -8.03 1.56 13.40
N SER B 13 -8.46 0.51 14.11
CA SER B 13 -9.56 0.66 15.05
C SER B 13 -9.10 1.15 16.42
N GLN B 14 -7.86 0.86 16.82
CA GLN B 14 -7.32 1.28 18.11
C GLN B 14 -5.86 1.68 17.89
N LEU B 15 -5.54 2.93 18.19
CA LEU B 15 -4.23 3.44 17.81
C LEU B 15 -3.11 2.81 18.61
N ALA B 16 -3.30 2.63 19.91
CA ALA B 16 -2.19 2.15 20.72
C ALA B 16 -1.70 0.76 20.31
N PRO B 17 -2.56 -0.25 20.13
CA PRO B 17 -2.03 -1.55 19.69
C PRO B 17 -1.45 -1.51 18.31
N SER B 18 -1.94 -0.63 17.43
CA SER B 18 -1.37 -0.56 16.10
C SER B 18 0.01 0.07 16.13
N VAL B 19 0.19 1.12 16.93
CA VAL B 19 1.52 1.69 17.10
C VAL B 19 2.47 0.64 17.69
N ALA B 20 2.01 -0.11 18.70
CA ALA B 20 2.87 -1.13 19.29
C ALA B 20 3.28 -2.16 18.25
N PHE B 21 2.34 -2.57 17.40
CA PHE B 21 2.63 -3.57 16.38
C PHE B 21 3.66 -3.06 15.38
N TYR B 22 3.43 -1.88 14.80
CA TYR B 22 4.34 -1.41 13.75
C TYR B 22 5.67 -0.92 14.32
N GLN B 23 5.65 -0.22 15.45
CA GLN B 23 6.89 0.30 16.01
C GLN B 23 7.67 -0.78 16.78
N GLN B 24 7.04 -1.38 17.79
CA GLN B 24 7.78 -2.27 18.66
C GLN B 24 7.97 -3.65 18.05
N LEU B 25 6.90 -4.28 17.56
CA LEU B 25 7.06 -5.62 17.01
C LEU B 25 7.78 -5.58 15.67
N LEU B 26 7.33 -4.74 14.75
N LEU B 26 7.34 -4.73 14.76
CA LEU B 26 7.94 -4.74 13.42
CA LEU B 26 7.92 -4.72 13.42
C LEU B 26 9.20 -3.91 13.34
C LEU B 26 9.12 -3.81 13.27
N GLY B 27 9.46 -3.02 14.30
CA GLY B 27 10.67 -2.24 14.30
C GLY B 27 10.67 -0.97 13.48
N MET B 28 9.51 -0.49 13.05
CA MET B 28 9.47 0.75 12.29
C MET B 28 9.71 1.96 13.19
N THR B 29 10.17 3.05 12.58
CA THR B 29 10.51 4.25 13.32
C THR B 29 9.28 5.13 13.48
N LEU B 30 8.93 5.48 14.71
CA LEU B 30 7.81 6.37 14.98
C LEU B 30 8.28 7.82 14.96
N HIS B 31 7.74 8.62 14.04
CA HIS B 31 8.12 10.02 13.93
C HIS B 31 7.19 10.98 14.63
N ALA B 32 5.89 10.67 14.66
CA ALA B 32 4.92 11.57 15.27
C ALA B 32 3.66 10.79 15.55
N ARG B 33 2.93 11.25 16.56
CA ARG B 33 1.64 10.69 16.91
C ARG B 33 0.73 11.82 17.36
N TRP B 34 -0.54 11.72 17.01
CA TRP B 34 -1.54 12.70 17.41
C TRP B 34 -2.76 11.93 17.87
N ASP B 35 -3.80 12.67 18.27
CA ASP B 35 -4.93 12.00 18.89
C ASP B 35 -5.56 10.97 17.96
N SER B 36 -5.42 11.15 16.65
CA SER B 36 -6.10 10.26 15.71
C SER B 36 -5.18 9.62 14.69
N GLY B 37 -3.87 9.56 14.93
CA GLY B 37 -3.03 8.82 14.01
C GLY B 37 -1.57 8.88 14.39
N ALA B 38 -0.75 8.30 13.51
CA ALA B 38 0.69 8.29 13.70
C ALA B 38 1.39 8.22 12.34
N TYR B 39 2.60 8.74 12.30
CA TYR B 39 3.48 8.61 11.15
C TYR B 39 4.70 7.79 11.54
N LEU B 40 4.99 6.77 10.74
CA LEU B 40 6.16 5.91 10.91
C LEU B 40 6.89 5.84 9.57
N SER B 41 8.15 5.43 9.64
CA SER B 41 8.88 5.10 8.44
C SER B 41 9.50 3.71 8.57
N CYS B 42 9.68 3.09 7.41
CA CYS B 42 10.31 1.78 7.28
C CYS B 42 11.15 1.89 6.01
N GLY B 43 12.45 2.10 6.15
CA GLY B 43 13.22 2.44 4.97
C GLY B 43 12.61 3.67 4.33
N ASP B 44 12.40 3.60 3.01
N ASP B 44 12.41 3.61 3.00
CA ASP B 44 11.82 4.71 2.27
CA ASP B 44 11.82 4.74 2.27
C ASP B 44 10.30 4.70 2.27
C ASP B 44 10.32 4.85 2.50
N LEU B 45 9.68 3.81 3.02
CA LEU B 45 8.23 3.83 3.19
C LEU B 45 7.78 4.79 4.29
N TRP B 46 6.88 5.69 3.92
CA TRP B 46 6.12 6.53 4.85
C TRP B 46 4.80 5.83 5.10
N LEU B 47 4.62 5.38 6.35
CA LEU B 47 3.38 4.72 6.78
C LEU B 47 2.61 5.66 7.67
N CYS B 48 1.31 5.78 7.41
N CYS B 48 1.31 5.80 7.39
CA CYS B 48 0.42 6.53 8.29
CA CYS B 48 0.39 6.51 8.25
C CYS B 48 -0.60 5.57 8.85
C CYS B 48 -0.56 5.51 8.87
N LEU B 49 -0.75 5.58 10.18
CA LEU B 49 -1.84 4.89 10.85
C LEU B 49 -2.90 5.93 11.15
N SER B 50 -4.12 5.70 10.69
CA SER B 50 -5.21 6.65 10.86
C SER B 50 -6.32 6.00 11.66
N LEU B 51 -6.59 6.55 12.84
CA LEU B 51 -7.66 6.02 13.68
C LEU B 51 -9.00 6.26 12.99
N ASP B 52 -9.75 5.19 12.78
CA ASP B 52 -10.96 5.29 11.99
C ASP B 52 -12.04 4.41 12.61
N PRO B 53 -13.11 4.96 13.18
N PRO B 53 -13.11 5.00 13.16
CA PRO B 53 -14.14 4.09 13.78
CA PRO B 53 -14.25 4.19 13.63
C PRO B 53 -14.80 3.17 12.77
C PRO B 53 -14.91 3.36 12.54
N GLN B 54 -14.70 3.48 11.48
N GLN B 54 -14.58 3.59 11.28
CA GLN B 54 -15.23 2.61 10.44
CA GLN B 54 -15.09 2.72 10.21
C GLN B 54 -14.34 1.40 10.16
C GLN B 54 -14.37 1.38 10.21
N ARG B 55 -13.15 1.32 10.72
CA ARG B 55 -12.33 0.14 10.52
C ARG B 55 -12.89 -1.03 11.34
N ARG B 56 -13.16 -2.13 10.67
N ARG B 56 -13.19 -2.14 10.66
CA ARG B 56 -13.59 -3.37 11.31
CA ARG B 56 -13.60 -3.38 11.29
C ARG B 56 -12.41 -4.32 11.43
C ARG B 56 -12.38 -4.30 11.44
N VAL B 57 -12.32 -5.01 12.57
CA VAL B 57 -11.32 -6.05 12.73
C VAL B 57 -11.79 -7.20 11.85
N THR B 58 -11.07 -7.44 10.75
CA THR B 58 -11.63 -8.19 9.64
C THR B 58 -10.95 -9.54 9.50
N PRO B 59 -11.68 -10.64 9.65
CA PRO B 59 -11.06 -11.95 9.44
C PRO B 59 -10.55 -12.07 8.02
N PRO B 60 -9.48 -12.83 7.80
CA PRO B 60 -8.88 -12.89 6.45
C PRO B 60 -9.77 -13.55 5.42
N GLU B 61 -10.67 -14.43 5.83
CA GLU B 61 -11.63 -15.01 4.89
C GLU B 61 -12.63 -13.98 4.39
N GLU B 62 -12.72 -12.83 5.06
CA GLU B 62 -13.71 -11.82 4.71
C GLU B 62 -13.13 -10.62 4.00
N SER B 63 -11.85 -10.62 3.70
CA SER B 63 -11.25 -9.57 2.92
C SER B 63 -10.66 -10.19 1.66
N ASP B 64 -10.47 -9.35 0.65
CA ASP B 64 -9.89 -9.77 -0.61
C ASP B 64 -8.36 -9.84 -0.47
N TYR B 65 -7.68 -10.11 -1.57
CA TYR B 65 -6.26 -10.41 -1.59
C TYR B 65 -5.37 -9.17 -1.54
N THR B 66 -5.94 -7.97 -1.47
CA THR B 66 -5.13 -6.77 -1.36
C THR B 66 -4.18 -6.91 -0.17
N HIS B 67 -2.89 -6.63 -0.38
CA HIS B 67 -1.93 -6.81 0.70
C HIS B 67 -0.69 -5.96 0.48
N TYR B 68 0.09 -5.83 1.56
CA TYR B 68 1.23 -4.94 1.65
C TYR B 68 2.44 -5.76 2.06
N ALA B 69 3.46 -5.82 1.21
CA ALA B 69 4.63 -6.62 1.45
C ALA B 69 5.81 -5.72 1.80
N PHE B 70 6.51 -6.07 2.88
CA PHE B 70 7.71 -5.36 3.31
C PHE B 70 8.96 -6.13 2.93
N SER B 71 10.02 -5.40 2.57
CA SER B 71 11.27 -6.04 2.22
C SER B 71 12.08 -6.43 3.45
N ILE B 72 12.73 -7.58 3.36
CA ILE B 72 13.66 -8.07 4.36
C ILE B 72 14.71 -8.89 3.62
N SER B 73 15.91 -8.95 4.16
CA SER B 73 16.93 -9.78 3.54
C SER B 73 16.66 -11.25 3.81
N GLU B 74 17.17 -12.09 2.92
CA GLU B 74 17.07 -13.53 3.14
C GLU B 74 17.68 -13.90 4.48
N ALA B 75 18.81 -13.29 4.84
CA ALA B 75 19.50 -13.67 6.06
C ALA B 75 18.66 -13.36 7.30
N ASP B 76 17.84 -12.32 7.25
CA ASP B 76 17.04 -11.93 8.41
C ASP B 76 15.63 -12.55 8.43
N PHE B 77 15.22 -13.16 7.33
CA PHE B 77 13.83 -13.59 7.16
C PHE B 77 13.39 -14.55 8.26
N ALA B 78 14.16 -15.62 8.51
CA ALA B 78 13.66 -16.68 9.39
C ALA B 78 13.53 -16.19 10.83
N SER B 79 14.45 -15.36 11.29
N SER B 79 14.49 -15.39 11.28
CA SER B 79 14.34 -14.89 12.67
CA SER B 79 14.40 -14.84 12.63
C SER B 79 13.21 -13.88 12.83
C SER B 79 13.17 -13.96 12.76
N PHE B 80 12.90 -13.12 11.76
CA PHE B 80 11.79 -12.18 11.87
C PHE B 80 10.48 -12.94 11.86
N ALA B 81 10.36 -13.95 11.00
CA ALA B 81 9.18 -14.80 11.02
C ALA B 81 9.00 -15.45 12.39
N ALA B 82 10.10 -15.91 13.00
CA ALA B 82 9.99 -16.55 14.31
C ALA B 82 9.56 -15.54 15.38
N ARG B 83 10.00 -14.29 15.27
CA ARG B 83 9.55 -13.23 16.16
C ARG B 83 8.04 -13.03 16.06
N LEU B 84 7.52 -12.95 14.85
CA LEU B 84 6.08 -12.83 14.66
C LEU B 84 5.35 -14.02 15.25
N GLU B 85 5.90 -15.23 15.05
N GLU B 85 5.87 -15.22 15.03
CA GLU B 85 5.26 -16.43 15.58
CA GLU B 85 5.23 -16.41 15.58
C GLU B 85 5.27 -16.44 17.09
C GLU B 85 5.24 -16.38 17.11
N ALA B 86 6.36 -15.99 17.72
CA ALA B 86 6.43 -15.94 19.18
C ALA B 86 5.37 -14.98 19.72
N ALA B 87 5.15 -13.87 19.02
CA ALA B 87 4.16 -12.87 19.39
C ALA B 87 2.73 -13.32 19.08
N GLY B 88 2.55 -14.49 18.47
CA GLY B 88 1.21 -14.97 18.22
C GLY B 88 0.52 -14.32 17.04
N VAL B 89 1.28 -13.77 16.12
CA VAL B 89 0.71 -13.11 14.96
C VAL B 89 0.20 -14.16 13.99
N ALA B 90 -1.04 -14.01 13.55
CA ALA B 90 -1.65 -15.00 12.69
C ALA B 90 -1.14 -14.93 11.26
N VAL B 91 -1.07 -16.09 10.62
CA VAL B 91 -0.69 -16.25 9.22
C VAL B 91 -1.95 -16.46 8.41
N TRP B 92 -2.01 -15.83 7.23
CA TRP B 92 -3.20 -15.91 6.39
C TRP B 92 -3.00 -16.71 5.11
N LYS B 93 -1.80 -17.19 4.81
CA LYS B 93 -1.50 -17.90 3.57
C LYS B 93 -0.14 -18.54 3.74
N LEU B 94 0.07 -19.71 3.09
CA LEU B 94 1.40 -20.28 2.97
C LEU B 94 2.07 -19.85 1.68
N ASN B 95 3.40 -19.78 1.68
CA ASN B 95 4.14 -19.40 0.48
C ASN B 95 4.20 -20.54 -0.52
N ARG B 96 3.84 -20.23 -1.79
CA ARG B 96 3.96 -21.16 -2.92
C ARG B 96 4.58 -20.52 -4.15
N SER B 97 5.21 -19.35 -4.02
N SER B 97 5.30 -19.41 -4.02
CA SER B 97 5.79 -18.62 -5.14
CA SER B 97 5.86 -18.73 -5.17
C SER B 97 7.30 -18.47 -4.93
C SER B 97 7.28 -18.29 -4.85
N GLU B 98 7.97 -17.79 -5.87
CA GLU B 98 9.42 -17.65 -5.77
C GLU B 98 9.77 -16.54 -4.79
N GLY B 99 10.87 -16.73 -4.09
CA GLY B 99 11.28 -15.82 -3.06
C GLY B 99 10.58 -16.13 -1.76
N ALA B 100 11.32 -16.06 -0.68
CA ALA B 100 10.73 -16.28 0.62
C ALA B 100 9.61 -15.26 0.89
N SER B 101 8.51 -15.76 1.45
CA SER B 101 7.41 -14.89 1.84
C SER B 101 6.75 -15.45 3.09
N HIS B 102 6.43 -14.55 4.03
CA HIS B 102 5.68 -14.86 5.24
C HIS B 102 4.45 -13.96 5.24
N TYR B 103 3.26 -14.55 5.29
CA TYR B 103 2.01 -13.82 5.15
C TYR B 103 1.32 -13.72 6.51
N PHE B 104 1.22 -12.50 7.04
CA PHE B 104 0.76 -12.30 8.40
C PHE B 104 -0.24 -11.16 8.47
N LEU B 105 -1.00 -11.13 9.56
CA LEU B 105 -2.08 -10.16 9.75
C LEU B 105 -1.71 -9.13 10.81
N ASP B 106 -2.12 -7.88 10.59
CA ASP B 106 -2.01 -6.85 11.61
C ASP B 106 -3.21 -6.93 12.54
N PRO B 107 -3.23 -6.11 13.61
CA PRO B 107 -4.29 -6.23 14.61
C PRO B 107 -5.70 -6.04 14.09
N ASP B 108 -5.86 -5.32 12.99
CA ASP B 108 -7.16 -5.10 12.37
C ASP B 108 -7.43 -6.03 11.20
N GLY B 109 -6.52 -6.97 10.93
CA GLY B 109 -6.69 -7.86 9.80
C GLY B 109 -6.13 -7.35 8.49
N HIS B 110 -5.39 -6.23 8.50
CA HIS B 110 -4.69 -5.87 7.26
C HIS B 110 -3.75 -6.99 6.88
N LYS B 111 -3.77 -7.35 5.60
CA LYS B 111 -2.93 -8.43 5.10
C LYS B 111 -1.54 -7.93 4.76
N LEU B 112 -0.55 -8.45 5.48
CA LEU B 112 0.84 -8.08 5.34
C LEU B 112 1.66 -9.27 4.86
N GLU B 113 2.88 -8.98 4.41
CA GLU B 113 3.78 -9.98 3.92
C GLU B 113 5.20 -9.51 4.18
N LEU B 114 6.09 -10.44 4.54
CA LEU B 114 7.51 -10.26 4.41
C LEU B 114 7.93 -10.94 3.12
N HIS B 115 8.67 -10.24 2.25
CA HIS B 115 9.12 -10.85 1.02
C HIS B 115 10.59 -10.53 0.77
N VAL B 116 11.31 -11.54 0.28
CA VAL B 116 12.67 -11.43 -0.19
C VAL B 116 12.66 -11.52 -1.70
N GLY B 117 13.09 -10.45 -2.36
CA GLY B 117 13.23 -10.46 -3.80
C GLY B 117 12.55 -9.27 -4.45
N SER B 118 13.12 -8.83 -5.56
CA SER B 118 12.69 -7.66 -6.29
C SER B 118 11.74 -8.02 -7.45
N LEU B 119 11.18 -6.98 -8.07
CA LEU B 119 10.42 -7.17 -9.29
C LEU B 119 11.29 -7.80 -10.38
N ALA B 120 12.53 -7.32 -10.51
CA ALA B 120 13.43 -7.90 -11.51
C ALA B 120 13.63 -9.39 -11.30
N GLN B 121 13.77 -9.83 -10.05
CA GLN B 121 13.94 -11.24 -9.77
C GLN B 121 12.69 -12.02 -10.16
N ARG B 122 11.52 -11.47 -9.82
CA ARG B 122 10.27 -12.13 -10.18
C ARG B 122 10.11 -12.23 -11.69
N LEU B 123 10.40 -11.15 -12.41
CA LEU B 123 10.27 -11.17 -13.87
C LEU B 123 11.22 -12.19 -14.48
N ALA B 124 12.44 -12.28 -13.97
CA ALA B 124 13.39 -13.27 -14.49
C ALA B 124 12.85 -14.69 -14.30
N ALA B 125 12.31 -14.99 -13.12
CA ALA B 125 11.74 -16.30 -12.89
C ALA B 125 10.55 -16.55 -13.79
N CYS B 126 9.73 -15.52 -14.01
CA CYS B 126 8.56 -15.66 -14.88
C CYS B 126 8.96 -15.87 -16.33
N ARG B 127 10.05 -15.24 -16.78
N ARG B 127 10.03 -15.23 -16.79
CA ARG B 127 10.46 -15.44 -18.17
CA ARG B 127 10.46 -15.46 -18.17
C ARG B 127 10.89 -16.88 -18.41
C ARG B 127 10.80 -16.92 -18.38
N GLU B 128 11.47 -17.52 -17.39
CA GLU B 128 11.83 -18.94 -17.51
C GLU B 128 10.63 -19.86 -17.38
N GLN B 129 9.61 -19.47 -16.62
CA GLN B 129 8.45 -20.32 -16.35
C GLN B 129 7.22 -19.42 -16.32
N PRO B 130 6.73 -19.02 -17.48
CA PRO B 130 5.66 -18.03 -17.52
C PRO B 130 4.35 -18.57 -16.97
N TYR B 131 3.64 -17.70 -16.26
CA TYR B 131 2.29 -18.02 -15.83
C TYR B 131 1.38 -18.18 -17.04
N LYS B 132 0.22 -18.77 -16.80
CA LYS B 132 -0.72 -19.01 -17.89
C LYS B 132 -1.18 -17.69 -18.51
N GLY B 133 -1.00 -17.57 -19.82
CA GLY B 133 -1.38 -16.38 -20.54
C GLY B 133 -0.41 -15.24 -20.42
N MET B 134 0.81 -15.49 -19.96
CA MET B 134 1.72 -14.40 -19.67
C MET B 134 2.34 -13.80 -20.91
N VAL B 135 2.33 -12.47 -20.94
N VAL B 135 2.32 -12.48 -20.99
CA VAL B 135 2.94 -11.63 -21.95
CA VAL B 135 3.04 -11.74 -22.02
C VAL B 135 3.84 -10.63 -21.25
C VAL B 135 3.79 -10.60 -21.35
N PHE B 136 4.97 -10.32 -21.86
CA PHE B 136 5.92 -9.35 -21.33
C PHE B 136 5.94 -8.14 -22.23
N PHE B 137 6.29 -6.99 -21.66
CA PHE B 137 6.31 -5.73 -22.39
C PHE B 137 7.65 -5.05 -22.19
#